data_3QOA
#
_entry.id   3QOA
#
_cell.length_a   76.760
_cell.length_b   76.760
_cell.length_c   201.341
_cell.angle_alpha   90.00
_cell.angle_beta   90.00
_cell.angle_gamma   120.00
#
_symmetry.space_group_name_H-M   'P 32 2 1'
#
loop_
_entity.id
_entity.type
_entity.pdbx_description
1 polymer 'Cytochrome P450 2B6'
2 non-polymer 'PROTOPORPHYRIN IX CONTAINING FE'
3 non-polymer 5-CYCLOHEXYL-1-PENTYL-BETA-D-MALTOSIDE
4 non-polymer 4-benzylpyridine
5 water water
#
_entity_poly.entity_id   1
_entity_poly.type   'polypeptide(L)'
_entity_poly.pdbx_seq_one_letter_code
;MAKKTSSKGKLPPGPRPLPLLGNLLQMDRRGLLKSFLRFREKYGDVFTVHLGPRPVVMLCGVEAIREALVDKAEAFSGRG
KIAMVDPFFRGYGVIFANGNRWKVLRRFSVTTMRDFGMGKRSVEERIQEEAQCLIEELRKSKGALMDPTFLFQSITANII
CSIVFGKRFHYQDQEFLKMLNLFYQTFSLISSVFGQLFELFSGFLKHFPGAHRQVYKNLQEINAYIGHSVEKHRETLDPS
APRDLIDTYLLHMEKEKSNAHSEFSHQNLNLNTLSLFFAGTETTSTTLRYGFLLMLKYPHVAERVYREIEQVIGPHRPPE
LHDRAKMPYTEAVIYEIQRFSDLLPMGVPHIVTQHTSFRGYIIPKDTEVFLILSTALHDPHYFEKPDAFNPDHFLDANGA
LKKTEAFIPFSLGKRICLGEGIARAELFLFFTTILQNFSMASPVAPEDIDLTPQECGVGKIPPTYQIRFLPRHHHH
;
_entity_poly.pdbx_strand_id   A
#
# COMPACT_ATOMS: atom_id res chain seq x y z
N GLY A 9 31.48 -14.71 -5.63
CA GLY A 9 31.84 -14.43 -7.01
C GLY A 9 30.71 -13.79 -7.78
N LYS A 10 29.75 -14.61 -8.21
CA LYS A 10 28.61 -14.12 -8.96
C LYS A 10 27.37 -13.98 -8.08
N LEU A 11 26.20 -14.16 -8.67
CA LEU A 11 24.93 -14.05 -7.93
C LEU A 11 24.76 -14.83 -6.65
N PRO A 12 23.87 -14.37 -5.79
CA PRO A 12 23.47 -15.15 -4.62
C PRO A 12 23.02 -16.54 -5.07
N PRO A 13 23.27 -17.52 -4.21
CA PRO A 13 22.98 -18.91 -4.49
C PRO A 13 21.46 -19.06 -4.59
N GLY A 14 21.00 -20.12 -5.23
CA GLY A 14 19.61 -20.51 -5.15
C GLY A 14 19.35 -21.79 -5.90
N PRO A 15 18.06 -22.16 -6.07
CA PRO A 15 17.77 -23.42 -6.75
C PRO A 15 18.12 -23.31 -8.24
N ARG A 16 18.66 -24.41 -8.80
CA ARG A 16 19.09 -24.43 -10.19
C ARG A 16 17.86 -24.34 -11.06
N PRO A 17 17.88 -23.42 -11.99
CA PRO A 17 16.74 -23.26 -12.86
C PRO A 17 16.85 -24.14 -14.11
N LEU A 18 15.77 -24.15 -14.89
CA LEU A 18 15.72 -24.74 -16.26
C LEU A 18 15.57 -23.63 -17.28
N PRO A 19 16.11 -23.86 -18.50
CA PRO A 19 15.68 -23.01 -19.63
C PRO A 19 14.17 -22.82 -19.72
N LEU A 20 13.76 -21.61 -20.09
CA LEU A 20 12.36 -21.27 -20.31
C LEU A 20 11.50 -21.13 -19.04
N LEU A 21 11.57 -22.15 -18.19
CA LEU A 21 10.71 -22.27 -17.00
C LEU A 21 11.33 -21.64 -15.76
N GLY A 22 12.64 -21.44 -15.78
CA GLY A 22 13.35 -20.89 -14.66
C GLY A 22 13.16 -21.89 -13.53
N ASN A 23 12.68 -21.39 -12.36
CA ASN A 23 12.57 -22.26 -11.20
C ASN A 23 11.15 -22.62 -10.94
N LEU A 24 10.31 -22.60 -11.99
CA LEU A 24 8.89 -22.95 -11.88
C LEU A 24 8.62 -24.22 -11.07
N LEU A 25 9.37 -25.28 -11.41
CA LEU A 25 8.98 -26.60 -10.93
C LEU A 25 9.51 -26.76 -9.49
N GLN A 26 10.38 -25.85 -9.05
CA GLN A 26 10.66 -25.78 -7.60
C GLN A 26 9.74 -24.83 -6.78
N MET A 27 8.76 -24.18 -7.45
CA MET A 27 7.85 -23.20 -6.77
C MET A 27 6.75 -23.88 -5.95
N ASP A 28 6.10 -23.12 -5.05
CA ASP A 28 4.98 -23.62 -4.24
C ASP A 28 3.68 -23.08 -4.82
N ARG A 29 2.71 -23.98 -5.02
CA ARG A 29 1.47 -23.67 -5.80
C ARG A 29 0.72 -22.60 -5.06
N ARG A 30 1.07 -22.42 -3.79
CA ARG A 30 0.40 -21.43 -2.97
C ARG A 30 0.81 -19.97 -3.32
N GLY A 31 1.93 -19.76 -4.02
CA GLY A 31 2.29 -18.41 -4.48
C GLY A 31 3.78 -18.08 -4.37
N LEU A 32 4.13 -16.90 -4.84
CA LEU A 32 5.51 -16.46 -4.86
C LEU A 32 6.13 -16.36 -3.43
N LEU A 33 5.40 -15.80 -2.47
CA LEU A 33 5.91 -15.51 -1.19
C LEU A 33 6.24 -16.84 -0.52
N LYS A 34 5.26 -17.74 -0.52
CA LYS A 34 5.43 -19.08 -0.02
C LYS A 34 6.63 -19.74 -0.68
N SER A 35 6.67 -19.74 -2.01
CA SER A 35 7.82 -20.28 -2.69
C SER A 35 9.11 -19.70 -2.11
N PHE A 36 9.19 -18.35 -1.92
CA PHE A 36 10.48 -17.77 -1.54
C PHE A 36 10.84 -18.06 -0.09
N LEU A 37 9.84 -18.28 0.75
CA LEU A 37 10.07 -18.54 2.20
C LEU A 37 10.65 -19.97 2.33
N ARG A 38 10.24 -20.85 1.41
CA ARG A 38 10.79 -22.23 1.44
C ARG A 38 12.21 -22.20 0.88
N PHE A 39 12.46 -21.33 -0.08
CA PHE A 39 13.88 -21.13 -0.51
C PHE A 39 14.79 -20.56 0.59
N ARG A 40 14.22 -19.67 1.39
CA ARG A 40 14.92 -19.03 2.48
C ARG A 40 15.42 -20.07 3.50
N GLU A 41 14.56 -21.04 3.81
CA GLU A 41 14.91 -22.13 4.75
C GLU A 41 16.23 -22.76 4.32
N LYS A 42 16.33 -22.99 3.03
CA LYS A 42 17.47 -23.68 2.46
C LYS A 42 18.70 -22.76 2.24
N TYR A 43 18.49 -21.53 1.73
CA TYR A 43 19.59 -20.67 1.26
C TYR A 43 19.89 -19.52 2.18
N GLY A 44 19.01 -19.23 3.13
CA GLY A 44 19.23 -18.11 4.03
C GLY A 44 18.60 -16.87 3.44
N ASP A 45 19.16 -15.70 3.79
CA ASP A 45 18.45 -14.44 3.61
C ASP A 45 18.67 -13.75 2.27
N VAL A 46 19.61 -14.24 1.46
CA VAL A 46 19.97 -13.61 0.22
C VAL A 46 20.10 -14.72 -0.77
N PHE A 47 19.22 -14.77 -1.76
CA PHE A 47 19.24 -15.86 -2.74
C PHE A 47 18.58 -15.41 -4.05
N THR A 48 18.75 -16.20 -5.08
CA THR A 48 18.32 -15.82 -6.42
C THR A 48 17.26 -16.80 -6.81
N VAL A 49 16.15 -16.28 -7.36
CA VAL A 49 15.14 -17.15 -7.93
C VAL A 49 14.95 -16.71 -9.40
N HIS A 50 14.88 -17.65 -10.32
CA HIS A 50 14.69 -17.30 -11.75
C HIS A 50 13.23 -17.30 -12.00
N LEU A 51 12.65 -16.14 -12.21
CA LEU A 51 11.20 -16.06 -12.42
C LEU A 51 11.04 -16.06 -13.92
N GLY A 52 10.67 -17.22 -14.46
CA GLY A 52 10.68 -17.45 -15.90
C GLY A 52 12.06 -17.08 -16.40
N PRO A 53 12.13 -16.13 -17.34
CA PRO A 53 13.37 -16.04 -18.12
C PRO A 53 14.53 -15.29 -17.47
N ARG A 54 14.41 -14.81 -16.24
CA ARG A 54 15.50 -14.05 -15.64
C ARG A 54 15.70 -14.25 -14.14
N PRO A 55 16.86 -13.87 -13.62
CA PRO A 55 17.14 -13.95 -12.18
C PRO A 55 16.59 -12.76 -11.37
N VAL A 56 15.95 -13.06 -10.24
CA VAL A 56 15.52 -12.02 -9.29
C VAL A 56 16.20 -12.28 -7.92
N VAL A 57 16.94 -11.33 -7.36
CA VAL A 57 17.56 -11.51 -6.05
C VAL A 57 16.58 -11.21 -4.89
N MET A 58 16.39 -12.16 -3.98
CA MET A 58 15.43 -11.90 -2.88
C MET A 58 16.26 -11.53 -1.64
N LEU A 59 15.84 -10.52 -0.86
CA LEU A 59 16.55 -10.14 0.36
C LEU A 59 15.56 -10.21 1.49
N CYS A 60 15.92 -10.84 2.61
CA CYS A 60 14.95 -11.24 3.62
C CYS A 60 15.52 -10.81 4.91
N GLY A 61 14.62 -10.47 5.85
CA GLY A 61 15.06 -10.02 7.16
C GLY A 61 15.46 -8.56 7.10
N VAL A 62 15.27 -7.88 8.24
CA VAL A 62 15.46 -6.46 8.28
C VAL A 62 16.93 -6.04 8.09
N GLU A 63 17.90 -6.80 8.61
CA GLU A 63 19.31 -6.43 8.42
C GLU A 63 19.70 -6.39 6.94
N ALA A 64 19.34 -7.42 6.19
CA ALA A 64 19.73 -7.44 4.78
C ALA A 64 19.04 -6.33 3.94
N ILE A 65 17.79 -6.05 4.29
CA ILE A 65 16.93 -5.11 3.56
C ILE A 65 17.45 -3.67 3.81
N ARG A 66 17.80 -3.38 5.05
CA ARG A 66 18.31 -2.06 5.41
C ARG A 66 19.72 -1.89 4.86
N GLU A 67 20.50 -2.96 4.86
CA GLU A 67 21.83 -2.85 4.29
C GLU A 67 21.70 -2.48 2.79
N ALA A 68 20.77 -3.12 2.09
CA ALA A 68 20.54 -2.79 0.68
C ALA A 68 19.97 -1.38 0.53
N LEU A 69 18.83 -1.13 1.14
CA LEU A 69 18.11 0.09 0.83
C LEU A 69 18.71 1.34 1.44
N VAL A 70 19.36 1.20 2.61
CA VAL A 70 19.94 2.33 3.34
C VAL A 70 21.45 2.45 3.14
N ASP A 71 22.22 1.43 3.51
CA ASP A 71 23.66 1.47 3.34
C ASP A 71 24.03 1.43 1.88
N LYS A 72 23.19 0.84 1.03
CA LYS A 72 23.57 0.81 -0.36
C LYS A 72 22.62 1.47 -1.31
N ALA A 73 21.97 2.51 -0.79
CA ALA A 73 21.03 3.36 -1.53
C ALA A 73 21.52 3.71 -2.91
N GLU A 74 22.82 3.96 -3.02
CA GLU A 74 23.43 4.30 -4.30
C GLU A 74 23.21 3.24 -5.37
N ALA A 75 23.02 1.99 -4.95
CA ALA A 75 22.84 0.88 -5.88
C ALA A 75 21.44 0.32 -5.96
N PHE A 76 20.65 0.42 -4.87
CA PHE A 76 19.38 -0.41 -4.74
C PHE A 76 18.10 0.36 -4.91
N SER A 77 18.27 1.62 -5.25
CA SER A 77 17.18 2.56 -5.39
C SER A 77 16.41 2.53 -6.72
N GLY A 78 16.80 1.72 -7.72
CA GLY A 78 15.94 1.59 -8.96
C GLY A 78 14.64 0.83 -8.71
N ARG A 79 13.64 0.96 -9.59
CA ARG A 79 12.32 0.33 -9.48
C ARG A 79 12.22 -0.75 -10.53
N GLY A 80 11.86 -1.97 -10.14
CA GLY A 80 11.66 -3.03 -11.14
C GLY A 80 10.25 -2.92 -11.65
N LYS A 81 9.81 -3.82 -12.51
CA LYS A 81 8.47 -3.70 -13.08
C LYS A 81 7.59 -4.68 -12.41
N ILE A 82 6.30 -4.47 -12.49
CA ILE A 82 5.34 -5.45 -12.04
C ILE A 82 4.65 -5.78 -13.31
N ALA A 83 4.80 -7.01 -13.71
CA ALA A 83 4.45 -7.36 -15.07
C ALA A 83 2.96 -7.13 -15.33
N MET A 84 2.11 -7.36 -14.33
CA MET A 84 0.67 -7.13 -14.53
C MET A 84 0.33 -5.65 -14.91
N VAL A 85 1.19 -4.71 -14.58
CA VAL A 85 0.81 -3.27 -14.76
C VAL A 85 1.81 -2.45 -15.56
N ASP A 86 3.04 -2.97 -15.77
CA ASP A 86 4.01 -2.31 -16.66
C ASP A 86 3.37 -1.89 -18.01
N PRO A 87 2.56 -2.73 -18.63
CA PRO A 87 2.08 -2.33 -19.95
C PRO A 87 1.27 -1.05 -19.89
N PHE A 88 0.59 -0.81 -18.80
CA PHE A 88 -0.11 0.43 -18.62
C PHE A 88 0.79 1.57 -18.15
N PHE A 89 1.64 1.35 -17.13
CA PHE A 89 2.34 2.45 -16.52
C PHE A 89 3.57 2.78 -17.34
N ARG A 90 4.23 1.77 -17.90
CA ARG A 90 5.38 2.02 -18.78
C ARG A 90 6.41 2.99 -18.28
N GLY A 91 6.70 2.96 -16.97
CA GLY A 91 7.77 3.76 -16.42
C GLY A 91 7.37 5.23 -16.18
N TYR A 92 6.06 5.53 -16.30
CA TYR A 92 5.50 6.89 -16.02
C TYR A 92 4.88 6.99 -14.60
N GLY A 93 4.94 8.21 -14.02
CA GLY A 93 4.51 8.46 -12.67
C GLY A 93 5.53 8.02 -11.62
N VAL A 94 5.38 8.49 -10.39
CA VAL A 94 6.44 8.40 -9.40
C VAL A 94 6.66 6.93 -9.00
N ILE A 95 5.59 6.14 -8.86
CA ILE A 95 5.82 4.73 -8.48
C ILE A 95 6.78 4.02 -9.44
N PHE A 96 6.50 4.10 -10.75
CA PHE A 96 7.12 3.19 -11.69
C PHE A 96 8.29 3.75 -12.47
N ALA A 97 8.58 4.98 -12.17
CA ALA A 97 9.65 5.71 -12.79
C ALA A 97 11.03 5.41 -12.21
N ASN A 98 12.04 5.63 -13.08
CA ASN A 98 13.44 5.57 -12.75
C ASN A 98 14.22 6.82 -13.09
N GLY A 99 15.46 6.93 -12.61
CA GLY A 99 16.44 7.95 -13.13
C GLY A 99 15.95 9.38 -12.90
N ASN A 100 16.25 10.29 -13.82
CA ASN A 100 15.83 11.69 -13.56
C ASN A 100 14.30 11.82 -13.45
N ARG A 101 13.56 11.03 -14.21
CA ARG A 101 12.11 11.11 -14.10
C ARG A 101 11.66 10.94 -12.65
N TRP A 102 12.14 9.87 -12.02
CA TRP A 102 11.81 9.64 -10.61
C TRP A 102 12.16 10.82 -9.75
N LYS A 103 13.43 11.25 -9.81
CA LYS A 103 13.90 12.37 -9.01
C LYS A 103 12.88 13.51 -9.08
N VAL A 104 12.53 13.91 -10.31
CA VAL A 104 11.71 15.06 -10.56
C VAL A 104 10.31 14.86 -9.98
N LEU A 105 9.71 13.71 -10.27
CA LEU A 105 8.34 13.39 -9.89
C LEU A 105 8.22 13.07 -8.38
N ARG A 106 9.26 12.48 -7.82
CA ARG A 106 9.22 12.24 -6.36
C ARG A 106 9.19 13.54 -5.62
N ARG A 107 10.16 14.40 -5.97
CA ARG A 107 10.30 15.73 -5.36
C ARG A 107 8.98 16.51 -5.53
N PHE A 108 8.49 16.56 -6.76
CA PHE A 108 7.22 17.21 -7.01
C PHE A 108 6.11 16.64 -6.10
N SER A 109 6.03 15.31 -6.07
CA SER A 109 4.91 14.67 -5.36
C SER A 109 5.02 14.85 -3.82
N VAL A 110 6.20 14.62 -3.26
CA VAL A 110 6.44 14.94 -1.86
C VAL A 110 6.07 16.40 -1.57
N THR A 111 6.61 17.36 -2.30
CA THR A 111 6.29 18.75 -1.99
C THR A 111 4.79 19.09 -2.09
N THR A 112 4.14 18.66 -3.17
CA THR A 112 2.73 19.03 -3.35
C THR A 112 1.79 18.17 -2.48
N MET A 113 2.29 17.11 -1.89
CA MET A 113 1.50 16.34 -0.92
C MET A 113 1.53 17.00 0.49
N ARG A 114 2.10 18.23 0.53
CA ARG A 114 2.01 19.16 1.69
C ARG A 114 2.02 20.65 1.26
N ASP A 115 0.83 21.26 1.29
CA ASP A 115 0.48 22.53 0.61
C ASP A 115 -0.96 22.43 0.05
N ARG A 121 -5.70 24.31 4.20
CA ARG A 121 -6.34 23.28 5.05
C ARG A 121 -5.42 22.05 5.23
N SER A 122 -5.10 21.72 6.48
CA SER A 122 -4.07 20.71 6.77
C SER A 122 -4.60 19.31 6.39
N VAL A 123 -3.69 18.38 6.25
CA VAL A 123 -4.13 17.05 5.94
C VAL A 123 -4.95 16.48 7.12
N GLU A 124 -4.53 16.80 8.35
CA GLU A 124 -5.22 16.38 9.54
C GLU A 124 -6.70 16.79 9.50
N GLU A 125 -6.93 18.07 9.24
CA GLU A 125 -8.30 18.61 9.15
C GLU A 125 -9.09 17.96 8.04
N ARG A 126 -8.45 17.72 6.90
CA ARG A 126 -9.06 16.95 5.84
C ARG A 126 -9.54 15.56 6.35
N ILE A 127 -8.69 14.91 7.15
CA ILE A 127 -9.03 13.52 7.58
C ILE A 127 -10.09 13.58 8.65
N GLN A 128 -9.96 14.55 9.53
CA GLN A 128 -10.98 14.81 10.58
C GLN A 128 -12.35 15.11 9.99
N GLU A 129 -12.36 15.89 8.91
CA GLU A 129 -13.66 16.15 8.24
C GLU A 129 -14.26 14.92 7.61
N GLU A 130 -13.47 14.22 6.84
CA GLU A 130 -13.92 12.94 6.30
C GLU A 130 -14.39 11.95 7.35
N ALA A 131 -13.65 11.89 8.47
CA ALA A 131 -14.01 11.01 9.57
C ALA A 131 -15.45 11.31 10.06
N GLN A 132 -15.80 12.62 10.18
CA GLN A 132 -17.16 13.08 10.54
C GLN A 132 -18.18 12.64 9.46
N CYS A 133 -17.86 12.83 8.18
CA CYS A 133 -18.80 12.30 7.15
C CYS A 133 -18.98 10.77 7.30
N LEU A 134 -17.90 10.07 7.64
CA LEU A 134 -17.96 8.62 7.84
C LEU A 134 -18.93 8.24 8.97
N ILE A 135 -18.72 8.86 10.13
CA ILE A 135 -19.53 8.62 11.31
C ILE A 135 -20.99 8.87 10.92
N GLU A 136 -21.26 10.04 10.32
CA GLU A 136 -22.56 10.33 9.74
C GLU A 136 -23.06 9.17 8.89
N GLU A 137 -22.27 8.75 7.93
CA GLU A 137 -22.73 7.69 7.05
C GLU A 137 -23.01 6.38 7.83
N LEU A 138 -22.12 6.06 8.75
CA LEU A 138 -22.34 4.93 9.64
C LEU A 138 -23.60 5.05 10.50
N ARG A 139 -23.89 6.25 11.05
CA ARG A 139 -25.12 6.39 11.85
C ARG A 139 -26.34 6.14 10.94
N LYS A 140 -26.31 6.66 9.71
CA LYS A 140 -27.45 6.41 8.77
C LYS A 140 -27.60 4.94 8.35
N SER A 141 -26.58 4.11 8.55
CA SER A 141 -26.75 2.71 8.11
C SER A 141 -27.58 1.88 9.06
N LYS A 142 -28.04 2.49 10.15
CA LYS A 142 -28.85 1.79 11.13
C LYS A 142 -28.31 0.39 11.38
N GLY A 143 -27.08 0.32 11.87
CA GLY A 143 -26.42 -0.98 12.11
C GLY A 143 -26.71 -2.13 11.15
N ALA A 144 -26.95 -1.80 9.87
CA ALA A 144 -27.10 -2.79 8.84
C ALA A 144 -25.75 -3.48 8.56
N LEU A 145 -25.82 -4.73 8.10
CA LEU A 145 -24.64 -5.44 7.65
C LEU A 145 -24.08 -4.83 6.42
N MET A 146 -22.75 -4.79 6.32
CA MET A 146 -22.18 -4.35 5.09
C MET A 146 -20.84 -5.00 4.88
N ASP A 147 -20.45 -5.11 3.64
CA ASP A 147 -19.03 -5.35 3.40
C ASP A 147 -18.40 -3.93 3.37
N PRO A 148 -17.52 -3.60 4.34
CA PRO A 148 -17.05 -2.18 4.42
C PRO A 148 -15.96 -1.78 3.41
N THR A 149 -15.56 -2.65 2.47
CA THR A 149 -14.54 -2.24 1.49
C THR A 149 -14.87 -0.86 0.89
N PHE A 150 -16.01 -0.69 0.29
CA PHE A 150 -16.28 0.55 -0.38
C PHE A 150 -16.17 1.77 0.52
N LEU A 151 -16.69 1.64 1.70
CA LEU A 151 -16.62 2.71 2.65
C LEU A 151 -15.20 3.05 3.05
N PHE A 152 -14.37 2.05 3.28
CA PHE A 152 -12.98 2.34 3.67
C PHE A 152 -12.20 2.89 2.49
N GLN A 153 -12.57 2.45 1.28
CA GLN A 153 -11.95 3.05 0.06
C GLN A 153 -12.41 4.53 -0.09
N SER A 154 -13.65 4.78 0.25
CA SER A 154 -14.21 6.14 0.01
C SER A 154 -13.52 7.09 0.86
N ILE A 155 -13.37 6.76 2.16
CA ILE A 155 -12.77 7.71 3.06
C ILE A 155 -11.30 8.03 2.76
N THR A 156 -10.53 7.05 2.30
CA THR A 156 -9.14 7.27 2.01
C THR A 156 -8.96 7.89 0.64
N ALA A 157 -9.67 7.40 -0.35
CA ALA A 157 -9.67 8.09 -1.65
C ALA A 157 -9.94 9.58 -1.53
N ASN A 158 -10.95 9.96 -0.73
CA ASN A 158 -11.30 11.39 -0.56
C ASN A 158 -10.19 12.27 -0.02
N ILE A 159 -9.32 11.67 0.77
CA ILE A 159 -8.20 12.42 1.28
C ILE A 159 -7.31 12.83 0.11
N ILE A 160 -6.95 11.85 -0.71
CA ILE A 160 -6.13 12.06 -1.91
C ILE A 160 -6.86 12.88 -2.98
N CYS A 161 -8.15 12.65 -3.12
CA CYS A 161 -8.92 13.45 -4.04
C CYS A 161 -8.91 14.94 -3.65
N SER A 162 -8.93 15.25 -2.35
CA SER A 162 -9.06 16.68 -2.02
C SER A 162 -7.71 17.33 -2.33
N ILE A 163 -6.65 16.55 -2.25
CA ILE A 163 -5.33 17.07 -2.56
C ILE A 163 -5.13 17.19 -4.09
N VAL A 164 -5.61 16.20 -4.83
CA VAL A 164 -5.18 16.05 -6.22
C VAL A 164 -6.17 16.76 -7.10
N PHE A 165 -7.45 16.46 -6.88
CA PHE A 165 -8.54 16.98 -7.70
C PHE A 165 -9.14 18.26 -7.09
N GLY A 166 -8.82 18.53 -5.84
CA GLY A 166 -9.40 19.69 -5.23
C GLY A 166 -10.81 19.53 -4.72
N LYS A 167 -11.33 18.32 -4.66
CA LYS A 167 -12.57 18.10 -3.90
C LYS A 167 -12.75 16.65 -3.47
N ARG A 168 -13.79 16.39 -2.70
CA ARG A 168 -14.12 15.05 -2.29
C ARG A 168 -15.29 14.63 -3.13
N PHE A 169 -15.61 13.33 -3.11
CA PHE A 169 -16.79 12.76 -3.73
C PHE A 169 -17.76 12.26 -2.72
N HIS A 170 -18.99 12.30 -3.08
CA HIS A 170 -20.08 11.89 -2.25
C HIS A 170 -20.06 10.39 -2.18
N TYR A 171 -20.29 9.83 -0.99
CA TYR A 171 -20.40 8.39 -0.85
C TYR A 171 -21.45 7.71 -1.75
N GLN A 172 -22.46 8.42 -2.21
CA GLN A 172 -23.43 7.67 -3.05
C GLN A 172 -23.34 8.05 -4.51
N ASP A 173 -22.27 8.76 -4.84
CA ASP A 173 -21.92 9.02 -6.19
C ASP A 173 -21.48 7.70 -6.92
N GLN A 174 -22.35 7.21 -7.83
CA GLN A 174 -22.14 5.92 -8.51
C GLN A 174 -20.91 5.94 -9.44
N GLU A 175 -20.49 7.13 -9.87
CA GLU A 175 -19.27 7.22 -10.64
C GLU A 175 -18.02 7.08 -9.77
N PHE A 176 -18.05 7.66 -8.58
CA PHE A 176 -16.95 7.54 -7.60
C PHE A 176 -16.87 6.04 -7.33
N LEU A 177 -18.00 5.47 -6.95
CA LEU A 177 -18.11 4.05 -6.65
C LEU A 177 -17.46 3.22 -7.75
N LYS A 178 -17.88 3.43 -8.99
CA LYS A 178 -17.32 2.71 -10.06
C LYS A 178 -15.78 2.81 -10.14
N MET A 179 -15.20 3.99 -9.98
CA MET A 179 -13.74 4.00 -9.92
C MET A 179 -13.17 3.19 -8.74
N LEU A 180 -13.84 3.23 -7.59
CA LEU A 180 -13.31 2.49 -6.44
C LEU A 180 -13.45 1.01 -6.70
N ASN A 181 -14.53 0.59 -7.37
CA ASN A 181 -14.72 -0.80 -7.65
C ASN A 181 -13.59 -1.27 -8.60
N LEU A 182 -13.16 -0.39 -9.49
CA LEU A 182 -12.05 -0.68 -10.44
C LEU A 182 -10.64 -0.83 -9.76
N PHE A 183 -10.35 0.04 -8.81
CA PHE A 183 -9.14 -0.17 -7.99
C PHE A 183 -9.21 -1.49 -7.24
N TYR A 184 -10.32 -1.74 -6.53
CA TYR A 184 -10.47 -2.97 -5.81
C TYR A 184 -10.18 -4.20 -6.66
N GLN A 185 -10.87 -4.30 -7.80
CA GLN A 185 -10.73 -5.39 -8.71
C GLN A 185 -9.34 -5.49 -9.25
N THR A 186 -8.81 -4.36 -9.68
CA THR A 186 -7.46 -4.33 -10.21
C THR A 186 -6.44 -4.87 -9.18
N PHE A 187 -6.50 -4.41 -7.92
CA PHE A 187 -5.50 -4.84 -6.95
C PHE A 187 -5.61 -6.38 -6.74
N SER A 188 -6.84 -6.92 -6.73
CA SER A 188 -7.04 -8.35 -6.54
C SER A 188 -6.46 -9.16 -7.67
N LEU A 189 -6.80 -8.73 -8.89
CA LEU A 189 -6.33 -9.31 -10.08
C LEU A 189 -4.79 -9.37 -10.15
N ILE A 190 -4.14 -8.25 -9.87
CA ILE A 190 -2.70 -8.19 -9.82
C ILE A 190 -2.05 -9.19 -8.83
N SER A 191 -2.74 -9.37 -7.71
CA SER A 191 -2.30 -10.19 -6.53
C SER A 191 -2.73 -11.67 -6.69
N SER A 192 -3.50 -11.97 -7.73
CA SER A 192 -4.06 -13.30 -7.90
C SER A 192 -2.93 -14.23 -8.34
N VAL A 193 -3.25 -15.52 -8.36
CA VAL A 193 -2.33 -16.56 -8.78
C VAL A 193 -1.97 -16.36 -10.26
N PHE A 194 -2.99 -16.04 -11.06
CA PHE A 194 -2.70 -15.71 -12.42
C PHE A 194 -1.70 -14.51 -12.50
N GLY A 195 -1.91 -13.46 -11.71
CA GLY A 195 -1.01 -12.35 -11.76
C GLY A 195 0.40 -12.73 -11.31
N GLN A 196 0.53 -13.63 -10.33
CA GLN A 196 1.84 -14.10 -9.93
C GLN A 196 2.48 -14.95 -11.08
N LEU A 197 1.68 -15.76 -11.70
CA LEU A 197 2.16 -16.47 -12.92
C LEU A 197 2.64 -15.55 -14.05
N PHE A 198 1.90 -14.46 -14.27
CA PHE A 198 2.21 -13.47 -15.31
C PHE A 198 3.54 -12.81 -15.06
N GLU A 199 3.82 -12.60 -13.78
CA GLU A 199 5.13 -12.13 -13.38
C GLU A 199 6.24 -13.04 -13.92
N LEU A 200 6.03 -14.33 -13.85
CA LEU A 200 7.02 -15.32 -14.40
C LEU A 200 7.06 -15.39 -15.95
N PHE A 201 5.89 -15.48 -16.58
CA PHE A 201 5.75 -15.79 -18.02
C PHE A 201 5.00 -14.78 -18.87
N SER A 202 5.12 -13.49 -18.52
CA SER A 202 4.36 -12.50 -19.26
C SER A 202 4.73 -12.46 -20.73
N GLY A 203 6.00 -12.69 -21.06
CA GLY A 203 6.45 -12.75 -22.45
C GLY A 203 5.58 -13.65 -23.30
N PHE A 204 5.18 -14.77 -22.75
CA PHE A 204 4.37 -15.75 -23.41
C PHE A 204 2.87 -15.49 -23.15
N LEU A 205 2.51 -15.42 -21.87
CA LEU A 205 1.10 -15.15 -21.54
C LEU A 205 0.48 -13.85 -22.12
N LYS A 206 1.29 -12.83 -22.43
CA LYS A 206 0.75 -11.52 -22.91
C LYS A 206 -0.05 -11.63 -24.25
N HIS A 207 0.22 -12.70 -25.02
CA HIS A 207 -0.52 -13.07 -26.25
C HIS A 207 -1.86 -13.80 -26.04
N PHE A 208 -2.19 -14.13 -24.80
CA PHE A 208 -3.49 -14.77 -24.57
C PHE A 208 -4.47 -13.89 -23.78
N PRO A 209 -5.79 -14.20 -23.86
CA PRO A 209 -6.75 -13.55 -22.94
C PRO A 209 -6.31 -13.74 -21.49
N GLY A 210 -6.64 -12.79 -20.63
CA GLY A 210 -6.24 -12.92 -19.23
C GLY A 210 -6.49 -11.67 -18.43
N ALA A 211 -6.21 -11.82 -17.12
CA ALA A 211 -6.53 -10.82 -16.13
C ALA A 211 -5.66 -9.61 -16.44
N HIS A 212 -4.51 -9.84 -17.09
CA HIS A 212 -3.64 -8.74 -17.49
C HIS A 212 -4.35 -7.74 -18.43
N ARG A 213 -5.18 -8.25 -19.36
CA ARG A 213 -6.00 -7.36 -20.22
C ARG A 213 -7.12 -6.64 -19.45
N GLN A 214 -7.74 -7.36 -18.50
CA GLN A 214 -8.71 -6.75 -17.57
C GLN A 214 -8.07 -5.64 -16.73
N VAL A 215 -6.92 -5.91 -16.09
CA VAL A 215 -6.20 -4.85 -15.38
C VAL A 215 -5.95 -3.62 -16.26
N TYR A 216 -5.48 -3.89 -17.45
CA TYR A 216 -5.11 -2.83 -18.38
C TYR A 216 -6.32 -1.90 -18.70
N LYS A 217 -7.41 -2.54 -18.98
CA LYS A 217 -8.68 -1.92 -19.33
C LYS A 217 -9.19 -1.09 -18.15
N ASN A 218 -9.08 -1.70 -16.94
CA ASN A 218 -9.56 -1.08 -15.70
C ASN A 218 -8.81 0.20 -15.47
N LEU A 219 -7.49 0.13 -15.61
CA LEU A 219 -6.66 1.31 -15.43
C LEU A 219 -6.95 2.40 -16.46
N GLN A 220 -7.10 2.00 -17.73
CA GLN A 220 -7.54 2.97 -18.73
C GLN A 220 -8.85 3.70 -18.42
N GLU A 221 -9.90 2.98 -17.97
CA GLU A 221 -11.11 3.67 -17.50
C GLU A 221 -10.87 4.72 -16.43
N ILE A 222 -10.04 4.40 -15.44
CA ILE A 222 -9.64 5.39 -14.46
C ILE A 222 -8.85 6.54 -15.07
N ASN A 223 -7.88 6.17 -15.92
CA ASN A 223 -7.08 7.19 -16.56
C ASN A 223 -7.92 8.20 -17.42
N ALA A 224 -9.02 7.72 -18.02
CA ALA A 224 -9.92 8.55 -18.87
C ALA A 224 -10.54 9.70 -18.03
N TYR A 225 -11.08 9.34 -16.86
CA TYR A 225 -11.51 10.36 -15.92
C TYR A 225 -10.35 11.35 -15.58
N ILE A 226 -9.17 10.81 -15.27
CA ILE A 226 -8.08 11.74 -14.99
C ILE A 226 -7.82 12.71 -16.16
N GLY A 227 -7.73 12.15 -17.36
CA GLY A 227 -7.71 12.90 -18.63
C GLY A 227 -8.69 14.07 -18.64
N HIS A 228 -9.96 13.77 -18.55
CA HIS A 228 -11.01 14.76 -18.42
C HIS A 228 -10.72 15.82 -17.36
N SER A 229 -10.59 15.39 -16.12
CA SER A 229 -10.32 16.31 -15.04
C SER A 229 -9.11 17.21 -15.35
N VAL A 230 -8.05 16.64 -15.90
CA VAL A 230 -6.93 17.49 -16.32
C VAL A 230 -7.37 18.67 -17.27
N GLU A 231 -8.17 18.34 -18.28
CA GLU A 231 -8.66 19.35 -19.23
C GLU A 231 -9.57 20.39 -18.55
N LYS A 232 -10.47 19.95 -17.68
CA LYS A 232 -11.28 20.88 -16.90
C LYS A 232 -10.40 21.85 -16.10
N HIS A 233 -9.31 21.33 -15.55
CA HIS A 233 -8.39 22.10 -14.77
C HIS A 233 -7.63 23.10 -15.63
N ARG A 234 -7.18 22.65 -16.81
CA ARG A 234 -6.50 23.52 -17.78
C ARG A 234 -7.34 24.77 -18.13
N GLU A 235 -8.63 24.56 -18.31
CA GLU A 235 -9.52 25.62 -18.76
C GLU A 235 -9.84 26.60 -17.68
N THR A 236 -9.86 26.16 -16.43
CA THR A 236 -10.31 27.04 -15.36
C THR A 236 -9.12 27.48 -14.54
N LEU A 237 -7.92 27.14 -15.01
CA LEU A 237 -6.72 27.37 -14.23
C LEU A 237 -6.48 28.85 -14.00
N ASP A 238 -6.15 29.21 -12.77
CA ASP A 238 -5.67 30.54 -12.47
C ASP A 238 -4.24 30.47 -11.98
N PRO A 239 -3.26 30.93 -12.80
CA PRO A 239 -1.85 30.80 -12.44
C PRO A 239 -1.46 31.48 -11.13
N SER A 240 -2.25 32.44 -10.68
CA SER A 240 -1.94 33.10 -9.42
C SER A 240 -2.47 32.33 -8.21
N ALA A 241 -3.38 31.38 -8.47
CA ALA A 241 -4.02 30.67 -7.37
C ALA A 241 -4.27 29.18 -7.69
N PRO A 242 -3.19 28.37 -7.75
CA PRO A 242 -3.35 26.93 -8.00
C PRO A 242 -4.28 26.32 -6.94
N ARG A 243 -5.28 25.53 -7.37
CA ARG A 243 -6.26 24.94 -6.43
C ARG A 243 -5.82 23.61 -5.79
N ASP A 244 -4.88 22.91 -6.42
CA ASP A 244 -4.62 21.55 -6.03
C ASP A 244 -3.35 21.13 -6.75
N LEU A 245 -3.06 19.85 -6.62
CA LEU A 245 -1.85 19.25 -7.15
C LEU A 245 -1.85 19.28 -8.70
N ILE A 246 -2.97 18.96 -9.33
CA ILE A 246 -3.12 19.12 -10.79
C ILE A 246 -2.75 20.56 -11.29
N ASP A 247 -3.30 21.60 -10.66
CA ASP A 247 -3.00 22.98 -11.06
C ASP A 247 -1.52 23.25 -10.96
N THR A 248 -0.92 22.83 -9.84
CA THR A 248 0.49 23.01 -9.58
C THR A 248 1.36 22.33 -10.65
N TYR A 249 0.98 21.13 -11.04
CA TYR A 249 1.74 20.44 -12.08
C TYR A 249 1.60 21.16 -13.45
N LEU A 250 0.41 21.57 -13.82
CA LEU A 250 0.18 22.39 -15.03
C LEU A 250 1.08 23.63 -15.18
N LEU A 251 1.42 24.25 -14.09
CA LEU A 251 2.26 25.43 -13.95
C LEU A 251 3.73 25.05 -14.14
N HIS A 252 4.16 23.92 -13.60
CA HIS A 252 5.47 23.43 -13.96
C HIS A 252 5.58 23.14 -15.45
N MET A 253 4.54 22.53 -15.98
CA MET A 253 4.46 22.20 -17.36
C MET A 253 4.56 23.45 -18.23
N GLU A 254 3.76 24.47 -17.95
CA GLU A 254 3.81 25.73 -18.69
C GLU A 254 5.19 26.35 -18.57
N LYS A 255 5.80 26.29 -17.40
CA LYS A 255 7.10 26.87 -17.18
C LYS A 255 8.19 26.12 -17.97
N GLU A 256 8.01 24.82 -18.20
CA GLU A 256 9.04 24.07 -18.86
C GLU A 256 8.70 23.75 -20.32
N LYS A 257 7.70 24.41 -20.90
CA LYS A 257 7.23 23.97 -22.25
C LYS A 257 8.27 24.06 -23.39
N SER A 258 9.29 24.92 -23.28
CA SER A 258 10.28 24.98 -24.34
C SER A 258 11.31 23.81 -24.23
N ASN A 259 11.29 23.11 -23.11
CA ASN A 259 12.05 21.87 -23.04
C ASN A 259 11.17 20.67 -23.49
N ALA A 260 11.50 20.11 -24.64
CA ALA A 260 10.72 19.00 -25.24
C ALA A 260 10.89 17.75 -24.40
N HIS A 261 11.99 17.74 -23.64
CA HIS A 261 12.32 16.58 -22.79
C HIS A 261 11.90 16.80 -21.32
N SER A 262 11.12 17.83 -21.04
CA SER A 262 10.55 18.04 -19.68
C SER A 262 9.79 16.78 -19.21
N GLU A 263 10.01 16.44 -17.93
CA GLU A 263 9.33 15.35 -17.27
C GLU A 263 7.92 15.74 -16.97
N PHE A 264 7.65 17.06 -16.96
CA PHE A 264 6.33 17.51 -16.67
C PHE A 264 5.46 17.37 -17.92
N SER A 265 5.34 16.13 -18.36
CA SER A 265 4.57 15.79 -19.54
C SER A 265 3.15 15.41 -19.15
N HIS A 266 2.28 15.26 -20.13
CA HIS A 266 0.93 14.82 -19.89
C HIS A 266 0.86 13.36 -19.50
N GLN A 267 1.66 12.51 -20.10
CA GLN A 267 1.72 11.12 -19.64
C GLN A 267 2.14 10.96 -18.16
N ASN A 268 3.17 11.66 -17.75
CA ASN A 268 3.51 11.69 -16.31
C ASN A 268 2.38 12.24 -15.49
N LEU A 269 1.54 13.11 -16.07
CA LEU A 269 0.58 13.86 -15.24
C LEU A 269 -0.60 12.90 -14.96
N ASN A 270 -1.14 12.37 -16.02
CA ASN A 270 -2.17 11.32 -15.91
C ASN A 270 -1.73 10.12 -15.02
N LEU A 271 -0.56 9.54 -15.28
CA LEU A 271 -0.08 8.31 -14.60
C LEU A 271 0.52 8.57 -13.20
N ASN A 272 1.18 9.73 -13.00
CA ASN A 272 1.54 10.12 -11.65
C ASN A 272 0.23 10.26 -10.84
N THR A 273 -0.79 10.80 -11.48
CA THR A 273 -2.05 11.12 -10.80
C THR A 273 -2.78 9.80 -10.51
N LEU A 274 -2.84 8.91 -11.51
CA LEU A 274 -3.37 7.57 -11.27
C LEU A 274 -2.63 6.86 -10.13
N SER A 275 -1.30 6.96 -10.15
CA SER A 275 -0.43 6.36 -9.13
C SER A 275 -0.82 6.83 -7.72
N LEU A 276 -0.92 8.15 -7.53
CA LEU A 276 -1.28 8.73 -6.23
C LEU A 276 -2.66 8.27 -5.77
N PHE A 277 -3.60 8.31 -6.70
CA PHE A 277 -5.00 8.01 -6.52
C PHE A 277 -5.12 6.53 -6.15
N PHE A 278 -4.34 5.66 -6.81
CA PHE A 278 -4.36 4.26 -6.55
C PHE A 278 -3.81 4.05 -5.13
N ALA A 279 -2.64 4.63 -4.87
CA ALA A 279 -1.93 4.44 -3.62
C ALA A 279 -2.77 4.99 -2.48
N GLY A 280 -3.50 6.07 -2.68
CA GLY A 280 -4.30 6.67 -1.62
C GLY A 280 -5.64 5.98 -1.42
N THR A 281 -6.01 5.07 -2.29
CA THR A 281 -7.33 4.50 -2.19
C THR A 281 -7.29 3.03 -1.78
N GLU A 282 -6.17 2.35 -2.08
CA GLU A 282 -6.17 0.91 -1.94
C GLU A 282 -5.27 0.42 -0.80
N THR A 283 -4.42 1.28 -0.24
CA THR A 283 -3.48 0.81 0.76
C THR A 283 -4.08 0.84 2.17
N THR A 284 -4.37 2.05 2.61
CA THR A 284 -4.90 2.34 3.90
C THR A 284 -6.24 1.69 4.13
N SER A 285 -7.06 1.63 3.07
CA SER A 285 -8.38 1.08 3.15
C SER A 285 -8.31 -0.43 3.34
N THR A 286 -7.36 -1.08 2.67
CA THR A 286 -7.18 -2.49 2.79
C THR A 286 -6.67 -2.80 4.22
N THR A 287 -5.86 -1.92 4.79
CA THR A 287 -5.33 -2.11 6.13
C THR A 287 -6.44 -2.00 7.18
N LEU A 288 -7.37 -1.09 6.93
CA LEU A 288 -8.51 -0.85 7.83
C LEU A 288 -9.46 -1.97 7.71
N ARG A 289 -9.66 -2.46 6.50
CA ARG A 289 -10.53 -3.60 6.33
C ARG A 289 -9.96 -4.84 7.12
N TYR A 290 -8.67 -5.09 7.01
CA TYR A 290 -8.07 -6.17 7.84
C TYR A 290 -8.20 -5.84 9.33
N GLY A 291 -7.88 -4.61 9.70
CA GLY A 291 -8.08 -4.15 11.08
C GLY A 291 -9.48 -4.40 11.65
N PHE A 292 -10.55 -4.12 10.91
CA PHE A 292 -11.88 -4.38 11.44
C PHE A 292 -12.29 -5.85 11.51
N LEU A 293 -11.74 -6.65 10.58
CA LEU A 293 -11.84 -8.12 10.65
C LEU A 293 -11.18 -8.62 11.95
N LEU A 294 -10.01 -8.06 12.24
CA LEU A 294 -9.24 -8.41 13.42
C LEU A 294 -10.00 -7.99 14.71
N MET A 295 -10.69 -6.84 14.67
CA MET A 295 -11.47 -6.39 15.84
C MET A 295 -12.65 -7.32 16.08
N LEU A 296 -13.26 -7.80 15.00
CA LEU A 296 -14.30 -8.83 15.09
C LEU A 296 -13.82 -10.15 15.68
N LYS A 297 -12.62 -10.59 15.30
CA LYS A 297 -12.08 -11.82 15.83
C LYS A 297 -11.52 -11.68 17.29
N TYR A 298 -11.03 -10.48 17.66
CA TYR A 298 -10.43 -10.16 18.95
C TYR A 298 -11.18 -8.98 19.58
N PRO A 299 -12.45 -9.18 19.93
CA PRO A 299 -13.26 -8.13 20.50
C PRO A 299 -12.69 -7.51 21.77
N HIS A 300 -11.99 -8.29 22.56
CA HIS A 300 -11.25 -7.78 23.68
C HIS A 300 -10.29 -6.65 23.33
N VAL A 301 -9.61 -6.75 22.20
CA VAL A 301 -8.70 -5.68 21.78
C VAL A 301 -9.51 -4.40 21.49
N ALA A 302 -10.59 -4.54 20.67
CA ALA A 302 -11.45 -3.41 20.32
C ALA A 302 -12.01 -2.77 21.59
N GLU A 303 -12.42 -3.62 22.54
CA GLU A 303 -12.91 -3.11 23.84
C GLU A 303 -11.82 -2.37 24.64
N ARG A 304 -10.64 -2.92 24.67
CA ARG A 304 -9.56 -2.15 25.29
C ARG A 304 -9.23 -0.82 24.59
N VAL A 305 -9.37 -0.78 23.25
CA VAL A 305 -9.07 0.47 22.51
C VAL A 305 -10.13 1.48 22.91
N TYR A 306 -11.37 1.02 22.96
CA TYR A 306 -12.47 1.92 23.27
C TYR A 306 -12.25 2.53 24.69
N ARG A 307 -11.87 1.68 25.66
CA ARG A 307 -11.56 2.19 27.02
C ARG A 307 -10.52 3.29 26.98
N GLU A 308 -9.44 3.16 26.20
CA GLU A 308 -8.41 4.20 26.15
C GLU A 308 -8.97 5.45 25.45
N ILE A 309 -9.80 5.31 24.41
CA ILE A 309 -10.44 6.46 23.80
C ILE A 309 -11.34 7.17 24.85
N GLU A 310 -12.19 6.42 25.56
CA GLU A 310 -12.99 7.02 26.63
C GLU A 310 -12.06 7.81 27.53
N GLN A 311 -10.92 7.21 27.89
CA GLN A 311 -10.12 7.84 28.97
C GLN A 311 -9.31 9.03 28.49
N VAL A 312 -8.71 8.90 27.30
CA VAL A 312 -7.88 9.95 26.78
C VAL A 312 -8.74 10.97 25.99
N ILE A 313 -9.68 10.51 25.17
CA ILE A 313 -10.43 11.48 24.35
C ILE A 313 -11.82 11.79 24.95
N GLY A 314 -12.55 10.76 25.36
CA GLY A 314 -13.95 10.95 25.74
C GLY A 314 -14.84 10.78 24.53
N PRO A 315 -16.17 10.81 24.74
CA PRO A 315 -17.14 10.41 23.74
C PRO A 315 -17.52 11.43 22.68
N HIS A 316 -17.19 12.69 22.84
CA HIS A 316 -17.65 13.73 21.94
C HIS A 316 -16.60 14.39 21.10
N ARG A 317 -15.57 14.90 21.77
CA ARG A 317 -14.43 15.55 21.10
C ARG A 317 -13.78 14.68 20.00
N PRO A 318 -13.69 15.24 18.77
CA PRO A 318 -13.12 14.46 17.68
C PRO A 318 -11.70 14.08 17.96
N PRO A 319 -11.32 12.82 17.70
CA PRO A 319 -9.89 12.52 17.82
C PRO A 319 -8.96 13.38 16.98
N GLU A 320 -7.81 13.65 17.54
CA GLU A 320 -6.80 14.42 16.80
C GLU A 320 -5.41 13.76 16.83
N LEU A 321 -4.51 14.13 15.90
CA LEU A 321 -3.16 13.55 15.92
C LEU A 321 -2.38 13.77 17.24
N HIS A 322 -2.64 14.86 17.93
CA HIS A 322 -2.01 15.10 19.20
C HIS A 322 -2.40 14.06 20.25
N ASP A 323 -3.50 13.37 20.03
CA ASP A 323 -3.93 12.31 20.93
C ASP A 323 -3.00 11.08 20.89
N ARG A 324 -2.26 10.89 19.81
CA ARG A 324 -1.45 9.65 19.63
C ARG A 324 -0.50 9.35 20.77
N ALA A 325 0.29 10.34 21.15
CA ALA A 325 1.29 10.15 22.26
C ALA A 325 0.65 9.57 23.52
N LYS A 326 -0.56 10.02 23.84
CA LYS A 326 -1.30 9.54 25.01
C LYS A 326 -2.07 8.23 24.84
N MET A 327 -2.03 7.62 23.64
CA MET A 327 -2.79 6.36 23.43
C MET A 327 -1.89 5.26 22.90
N PRO A 328 -0.94 4.81 23.73
CA PRO A 328 0.04 3.81 23.36
C PRO A 328 -0.66 2.53 22.99
N TYR A 329 -1.78 2.21 23.67
CA TYR A 329 -2.43 0.95 23.36
C TYR A 329 -3.05 0.96 21.93
N THR A 330 -3.76 2.01 21.56
CA THR A 330 -4.35 2.14 20.19
C THR A 330 -3.23 2.16 19.11
N GLU A 331 -2.17 2.94 19.37
CA GLU A 331 -1.02 2.98 18.48
C GLU A 331 -0.42 1.58 18.26
N ALA A 332 -0.20 0.85 19.35
CA ALA A 332 0.28 -0.54 19.28
C ALA A 332 -0.67 -1.43 18.46
N VAL A 333 -1.98 -1.30 18.68
CA VAL A 333 -2.98 -2.04 17.91
C VAL A 333 -2.88 -1.77 16.40
N ILE A 334 -2.73 -0.50 16.03
CA ILE A 334 -2.59 -0.10 14.64
C ILE A 334 -1.24 -0.59 14.03
N TYR A 335 -0.15 -0.53 14.83
CA TYR A 335 1.12 -1.07 14.37
C TYR A 335 0.92 -2.56 14.16
N GLU A 336 0.20 -3.16 15.06
CA GLU A 336 0.01 -4.59 14.95
C GLU A 336 -0.92 -4.90 13.76
N ILE A 337 -1.87 -4.01 13.47
CA ILE A 337 -2.74 -4.20 12.31
C ILE A 337 -1.97 -4.14 10.98
N GLN A 338 -0.93 -3.31 10.94
CA GLN A 338 -0.10 -3.09 9.75
C GLN A 338 0.89 -4.23 9.62
N ARG A 339 1.42 -4.65 10.77
CA ARG A 339 2.37 -5.76 10.80
C ARG A 339 1.71 -7.07 10.40
N PHE A 340 0.55 -7.36 10.98
CA PHE A 340 -0.14 -8.57 10.68
C PHE A 340 -0.71 -8.56 9.25
N SER A 341 -1.14 -7.39 8.82
CA SER A 341 -1.83 -7.36 7.52
C SER A 341 -0.83 -7.35 6.39
N ASP A 342 0.45 -6.94 6.61
CA ASP A 342 1.54 -7.25 5.67
C ASP A 342 1.00 -6.90 4.24
N LEU A 343 0.67 -5.64 4.04
CA LEU A 343 -0.05 -5.23 2.83
C LEU A 343 0.70 -5.64 1.53
N LEU A 344 1.97 -5.33 1.48
CA LEU A 344 2.84 -5.70 0.40
C LEU A 344 3.91 -6.62 0.89
N PRO A 345 3.59 -7.91 0.94
CA PRO A 345 4.57 -8.80 1.47
C PRO A 345 5.94 -8.76 0.81
N MET A 346 6.00 -8.51 -0.53
CA MET A 346 7.34 -8.54 -1.20
C MET A 346 7.70 -7.13 -1.59
N GLY A 347 7.04 -6.18 -0.91
CA GLY A 347 7.24 -4.82 -1.25
C GLY A 347 6.90 -4.45 -2.67
N VAL A 348 7.62 -3.47 -3.24
CA VAL A 348 7.45 -3.21 -4.66
C VAL A 348 8.85 -3.57 -5.26
N PRO A 349 8.92 -4.12 -6.46
CA PRO A 349 10.26 -4.51 -7.01
C PRO A 349 11.25 -3.37 -7.17
N HIS A 350 12.47 -3.56 -6.75
CA HIS A 350 13.57 -2.68 -7.04
C HIS A 350 14.43 -3.22 -8.16
N ILE A 351 15.41 -2.46 -8.59
CA ILE A 351 16.44 -3.00 -9.46
C ILE A 351 17.77 -2.36 -9.12
N VAL A 352 18.86 -3.06 -9.27
CA VAL A 352 20.10 -2.35 -9.05
C VAL A 352 20.51 -1.51 -10.26
N THR A 353 20.88 -0.31 -9.95
CA THR A 353 21.22 0.69 -10.94
C THR A 353 22.70 0.71 -11.33
N GLN A 354 23.50 -0.04 -10.61
CA GLN A 354 24.94 -0.24 -10.88
C GLN A 354 25.40 -1.61 -10.36
N HIS A 355 26.50 -2.15 -10.90
CA HIS A 355 27.08 -3.42 -10.46
C HIS A 355 27.36 -3.28 -9.01
N THR A 356 26.93 -4.20 -8.17
CA THR A 356 27.17 -4.01 -6.73
C THR A 356 27.70 -5.29 -6.14
N SER A 357 28.43 -5.14 -5.06
CA SER A 357 28.82 -6.30 -4.32
C SER A 357 27.87 -6.34 -3.12
N PHE A 358 27.30 -7.50 -2.83
CA PHE A 358 26.42 -7.58 -1.65
C PHE A 358 26.74 -8.83 -0.91
N ARG A 359 27.18 -8.69 0.33
CA ARG A 359 27.56 -9.84 1.16
C ARG A 359 28.38 -10.85 0.38
N GLY A 360 29.42 -10.39 -0.31
CA GLY A 360 30.30 -11.30 -1.05
C GLY A 360 29.79 -11.65 -2.44
N TYR A 361 28.55 -11.30 -2.75
CA TYR A 361 28.01 -11.56 -4.07
C TYR A 361 28.08 -10.34 -4.94
N ILE A 362 27.90 -10.56 -6.22
CA ILE A 362 28.02 -9.51 -7.17
C ILE A 362 26.70 -9.51 -7.85
N ILE A 363 26.03 -8.36 -7.81
CA ILE A 363 24.72 -8.24 -8.41
C ILE A 363 24.82 -7.21 -9.53
N PRO A 364 24.76 -7.70 -10.76
CA PRO A 364 24.96 -6.81 -11.91
C PRO A 364 23.89 -5.74 -11.97
N LYS A 365 24.28 -4.58 -12.47
CA LYS A 365 23.36 -3.53 -12.83
C LYS A 365 22.18 -4.14 -13.59
N ASP A 366 21.00 -3.62 -13.29
CA ASP A 366 19.70 -4.07 -13.84
C ASP A 366 19.18 -5.41 -13.37
N THR A 367 19.72 -5.96 -12.31
CA THR A 367 19.15 -7.19 -11.77
C THR A 367 17.97 -6.74 -10.89
N GLU A 368 16.84 -7.41 -11.03
CA GLU A 368 15.71 -7.10 -10.17
C GLU A 368 15.97 -7.59 -8.73
N VAL A 369 15.51 -6.80 -7.77
CA VAL A 369 15.65 -7.17 -6.37
C VAL A 369 14.30 -7.08 -5.65
N PHE A 370 13.87 -8.17 -5.07
CA PHE A 370 12.72 -8.17 -4.23
C PHE A 370 13.19 -8.10 -2.78
N LEU A 371 12.66 -7.14 -2.17
CA LEU A 371 12.89 -6.91 -0.74
C LEU A 371 11.71 -7.48 0.05
N ILE A 372 11.85 -8.71 0.70
CA ILE A 372 10.68 -9.41 1.26
C ILE A 372 10.34 -8.81 2.65
N LEU A 373 9.75 -7.62 2.63
CA LEU A 373 9.20 -7.01 3.80
C LEU A 373 8.49 -7.97 4.75
N SER A 374 7.71 -8.89 4.23
CA SER A 374 7.01 -9.85 5.14
C SER A 374 7.97 -10.49 6.19
N THR A 375 9.23 -10.69 5.76
CA THR A 375 10.19 -11.37 6.60
C THR A 375 10.63 -10.51 7.75
N ALA A 376 10.66 -9.19 7.56
CA ALA A 376 10.97 -8.32 8.65
C ALA A 376 9.74 -8.29 9.60
N LEU A 377 8.60 -8.17 8.98
CA LEU A 377 7.41 -7.96 9.77
C LEU A 377 7.09 -9.16 10.62
N HIS A 378 7.53 -10.37 10.19
CA HIS A 378 7.20 -11.61 10.93
C HIS A 378 8.46 -12.21 11.59
N ASP A 379 9.41 -11.33 11.88
CA ASP A 379 10.70 -11.76 12.38
C ASP A 379 10.50 -12.20 13.86
N PRO A 380 10.66 -13.49 14.18
CA PRO A 380 10.40 -14.01 15.53
C PRO A 380 11.42 -13.54 16.61
N HIS A 381 12.50 -12.87 16.23
CA HIS A 381 13.37 -12.25 17.19
C HIS A 381 12.82 -10.95 17.65
N TYR A 382 12.07 -10.25 16.79
CA TYR A 382 11.47 -8.98 17.14
C TYR A 382 10.02 -9.16 17.63
N PHE A 383 9.35 -10.24 17.22
CA PHE A 383 7.96 -10.48 17.54
C PHE A 383 7.78 -11.89 18.01
N GLU A 384 7.54 -12.09 19.30
CA GLU A 384 7.28 -13.44 19.81
C GLU A 384 5.95 -13.88 19.25
N LYS A 385 5.83 -15.13 18.79
CA LYS A 385 4.57 -15.47 18.06
C LYS A 385 4.20 -14.53 16.84
N PRO A 386 5.05 -14.45 15.82
CA PRO A 386 4.73 -13.49 14.74
C PRO A 386 3.55 -13.81 13.80
N ASP A 387 3.01 -15.01 13.82
CA ASP A 387 1.83 -15.29 13.01
C ASP A 387 0.55 -14.99 13.72
N ALA A 388 0.62 -14.73 15.02
CA ALA A 388 -0.56 -14.30 15.81
C ALA A 388 -0.77 -12.77 15.75
N PHE A 389 -2.01 -12.35 15.76
CA PHE A 389 -2.29 -10.96 16.06
C PHE A 389 -2.24 -10.62 17.57
N ASN A 390 -1.27 -9.77 17.90
CA ASN A 390 -1.02 -9.41 19.27
C ASN A 390 -0.50 -7.99 19.46
N PRO A 391 -1.38 -7.08 19.92
CA PRO A 391 -0.85 -5.73 20.16
C PRO A 391 0.35 -5.65 21.13
N ASP A 392 0.55 -6.68 22.00
CA ASP A 392 1.75 -6.62 22.93
C ASP A 392 3.08 -6.64 22.20
N HIS A 393 3.05 -7.03 20.91
CA HIS A 393 4.20 -6.90 20.03
C HIS A 393 4.74 -5.48 19.98
N PHE A 394 3.89 -4.51 20.26
CA PHE A 394 4.29 -3.09 20.26
C PHE A 394 4.11 -2.41 21.59
N LEU A 395 4.26 -3.19 22.67
CA LEU A 395 4.15 -2.68 24.04
C LEU A 395 5.29 -3.24 24.90
N ASP A 396 5.83 -2.39 25.76
CA ASP A 396 6.70 -2.87 26.87
C ASP A 396 5.87 -3.32 28.10
N ALA A 397 6.55 -3.77 29.17
CA ALA A 397 5.88 -4.34 30.36
C ALA A 397 5.03 -3.31 31.04
N ASN A 398 5.47 -2.08 30.96
CA ASN A 398 4.74 -0.93 31.46
C ASN A 398 3.48 -0.55 30.63
N GLY A 399 3.37 -1.06 29.40
CA GLY A 399 2.19 -0.74 28.58
C GLY A 399 2.47 0.50 27.77
N ALA A 400 3.73 0.93 27.77
CA ALA A 400 4.13 2.03 26.93
C ALA A 400 4.51 1.47 25.54
N LEU A 401 4.43 2.33 24.54
CA LEU A 401 4.61 1.93 23.14
C LEU A 401 6.04 1.52 22.95
N LYS A 402 6.25 0.36 22.34
CA LYS A 402 7.59 -0.11 21.97
C LYS A 402 7.66 -0.21 20.44
N LYS A 403 8.29 0.79 19.84
CA LYS A 403 8.57 0.85 18.42
C LYS A 403 9.74 -0.10 18.19
N THR A 404 9.86 -0.60 16.96
CA THR A 404 10.97 -1.52 16.65
C THR A 404 11.44 -1.22 15.19
N GLU A 405 12.74 -1.30 14.96
CA GLU A 405 13.25 -1.17 13.60
C GLU A 405 12.81 -2.28 12.60
N ALA A 406 12.33 -3.40 13.10
CA ALA A 406 11.81 -4.45 12.21
C ALA A 406 10.55 -3.99 11.52
N PHE A 407 9.93 -2.89 11.99
CA PHE A 407 8.64 -2.53 11.53
C PHE A 407 8.83 -1.79 10.26
N ILE A 408 8.93 -2.47 9.13
CA ILE A 408 9.20 -1.73 7.89
C ILE A 408 8.11 -1.91 6.80
N PRO A 409 6.82 -1.69 7.11
CA PRO A 409 5.85 -2.02 6.07
C PRO A 409 5.74 -0.98 4.97
N PHE A 410 6.35 0.21 5.21
CA PHE A 410 6.53 1.22 4.17
C PHE A 410 7.89 1.10 3.44
N SER A 411 8.67 0.07 3.75
CA SER A 411 10.00 -0.09 3.21
C SER A 411 11.00 0.86 3.86
N LEU A 412 12.08 1.15 3.14
CA LEU A 412 13.15 2.01 3.60
C LEU A 412 13.84 2.67 2.41
N GLY A 413 14.63 3.72 2.70
CA GLY A 413 15.58 4.34 1.78
C GLY A 413 14.88 5.31 0.80
N LYS A 414 15.47 5.48 -0.36
CA LYS A 414 15.06 6.54 -1.26
C LYS A 414 13.69 6.32 -1.82
N ARG A 415 13.23 5.07 -1.89
CA ARG A 415 11.91 4.77 -2.41
C ARG A 415 10.88 4.54 -1.31
N ILE A 416 11.26 4.74 -0.06
CA ILE A 416 10.31 4.55 1.05
C ILE A 416 8.97 5.18 0.74
N CYS A 417 7.88 4.50 1.09
CA CYS A 417 6.57 4.96 0.73
C CYS A 417 6.45 6.46 1.03
N LEU A 418 6.04 7.28 0.04
CA LEU A 418 5.93 8.71 0.30
C LEU A 418 4.65 9.08 1.00
N GLY A 419 3.70 8.13 1.08
CA GLY A 419 2.50 8.37 1.87
C GLY A 419 2.51 7.91 3.32
N GLU A 420 3.69 7.61 3.90
CA GLU A 420 3.75 7.04 5.24
C GLU A 420 3.03 7.94 6.24
N GLY A 421 3.33 9.25 6.27
CA GLY A 421 2.75 10.18 7.24
C GLY A 421 1.22 10.30 7.11
N ILE A 422 0.76 10.40 5.88
CA ILE A 422 -0.66 10.46 5.57
C ILE A 422 -1.29 9.18 5.96
N ALA A 423 -0.64 8.06 5.64
CA ALA A 423 -1.25 6.76 5.91
C ALA A 423 -1.44 6.57 7.40
N ARG A 424 -0.39 6.90 8.18
CA ARG A 424 -0.49 6.74 9.64
C ARG A 424 -1.51 7.64 10.28
N ALA A 425 -1.57 8.91 9.85
CA ALA A 425 -2.63 9.84 10.27
C ALA A 425 -4.00 9.28 9.94
N GLU A 426 -4.14 8.75 8.73
CA GLU A 426 -5.40 8.18 8.32
C GLU A 426 -5.78 6.99 9.18
N LEU A 427 -4.87 6.09 9.37
CA LEU A 427 -5.18 4.91 10.18
C LEU A 427 -5.55 5.35 11.59
N PHE A 428 -4.78 6.26 12.18
CA PHE A 428 -5.10 6.66 13.56
C PHE A 428 -6.44 7.35 13.66
N LEU A 429 -6.64 8.38 12.84
CA LEU A 429 -7.87 9.14 12.96
C LEU A 429 -9.10 8.34 12.57
N PHE A 430 -8.98 7.59 11.49
CA PHE A 430 -10.14 6.82 11.05
C PHE A 430 -10.47 5.69 12.03
N PHE A 431 -9.45 4.97 12.49
CA PHE A 431 -9.69 3.86 13.42
C PHE A 431 -10.30 4.40 14.74
N THR A 432 -9.71 5.44 15.28
CA THR A 432 -10.20 5.94 16.57
C THR A 432 -11.58 6.58 16.48
N THR A 433 -11.81 7.36 15.43
CA THR A 433 -13.10 8.06 15.30
C THR A 433 -14.21 7.02 15.14
N ILE A 434 -13.90 5.94 14.44
CA ILE A 434 -14.94 4.91 14.28
C ILE A 434 -15.25 4.28 15.64
N LEU A 435 -14.32 3.69 16.34
CA LEU A 435 -14.50 3.04 17.61
C LEU A 435 -14.98 4.01 18.67
N GLN A 436 -14.60 5.26 18.64
CA GLN A 436 -15.27 6.25 19.49
C GLN A 436 -16.78 6.20 19.42
N ASN A 437 -17.35 5.88 18.25
CA ASN A 437 -18.74 6.12 18.07
C ASN A 437 -19.55 4.85 17.91
N PHE A 438 -18.86 3.76 17.59
CA PHE A 438 -19.49 2.48 17.28
C PHE A 438 -18.69 1.33 17.88
N SER A 439 -19.42 0.29 18.23
CA SER A 439 -18.84 -1.04 18.40
C SER A 439 -19.22 -1.85 17.16
N MET A 440 -18.65 -3.06 17.09
CA MET A 440 -18.81 -3.85 15.91
C MET A 440 -19.44 -5.20 16.22
N ALA A 441 -20.21 -5.68 15.27
CA ALA A 441 -20.78 -6.97 15.41
C ALA A 441 -20.80 -7.60 14.03
N SER A 442 -20.92 -8.91 13.99
CA SER A 442 -21.17 -9.56 12.73
C SER A 442 -21.81 -10.92 13.04
N PRO A 443 -22.34 -11.61 12.01
CA PRO A 443 -22.94 -12.90 12.27
C PRO A 443 -21.93 -14.06 12.41
N VAL A 444 -20.63 -13.82 12.41
CA VAL A 444 -19.67 -14.93 12.50
C VAL A 444 -19.06 -14.88 13.90
N ALA A 445 -18.98 -16.01 14.59
CA ALA A 445 -18.48 -15.94 15.96
C ALA A 445 -16.98 -15.65 15.90
N PRO A 446 -16.48 -14.83 16.83
CA PRO A 446 -15.02 -14.59 16.85
C PRO A 446 -14.19 -15.85 16.52
N GLU A 447 -14.53 -16.97 17.17
CA GLU A 447 -13.67 -18.16 17.03
C GLU A 447 -13.77 -18.78 15.65
N ASP A 448 -14.86 -18.47 14.94
CA ASP A 448 -15.06 -18.97 13.59
C ASP A 448 -14.47 -18.10 12.51
N ILE A 449 -14.12 -16.84 12.84
CA ILE A 449 -13.51 -15.94 11.88
C ILE A 449 -12.17 -16.47 11.34
N ASP A 450 -12.11 -16.57 10.01
CA ASP A 450 -10.93 -17.02 9.26
C ASP A 450 -10.23 -15.78 8.67
N LEU A 451 -9.01 -15.53 9.12
CA LEU A 451 -8.21 -14.42 8.63
C LEU A 451 -7.39 -14.71 7.35
N THR A 452 -7.43 -15.95 6.83
CA THR A 452 -6.75 -16.33 5.58
C THR A 452 -7.11 -15.35 4.47
N PRO A 453 -6.08 -14.70 3.88
CA PRO A 453 -6.33 -13.72 2.85
C PRO A 453 -7.05 -14.32 1.66
N GLN A 454 -7.79 -13.49 0.92
CA GLN A 454 -8.39 -13.89 -0.33
C GLN A 454 -7.31 -14.04 -1.41
N GLU A 455 -6.36 -13.10 -1.43
CA GLU A 455 -5.28 -13.16 -2.36
C GLU A 455 -4.03 -12.90 -1.58
N CYS A 456 -2.94 -13.47 -2.06
CA CYS A 456 -1.67 -13.16 -1.47
C CYS A 456 -0.69 -13.20 -2.61
N GLY A 457 -0.44 -12.03 -3.17
CA GLY A 457 0.57 -11.83 -4.19
C GLY A 457 1.30 -10.53 -3.91
N VAL A 458 1.32 -9.66 -4.90
CA VAL A 458 1.83 -8.29 -4.73
C VAL A 458 1.20 -7.69 -3.47
N GLY A 459 -0.10 -7.86 -3.36
CA GLY A 459 -0.91 -7.38 -2.25
C GLY A 459 -1.41 -8.58 -1.49
N LYS A 460 -1.54 -8.42 -0.17
CA LYS A 460 -2.21 -9.38 0.68
C LYS A 460 -3.58 -8.73 0.95
N ILE A 461 -4.64 -9.52 0.73
CA ILE A 461 -5.97 -8.95 0.59
C ILE A 461 -6.90 -9.74 1.45
N PRO A 462 -7.50 -9.08 2.46
CA PRO A 462 -8.28 -9.91 3.40
C PRO A 462 -9.47 -10.54 2.71
N PRO A 463 -10.04 -11.59 3.30
CA PRO A 463 -11.35 -12.03 2.75
C PRO A 463 -12.45 -10.99 2.94
N THR A 464 -13.45 -11.00 2.04
CA THR A 464 -14.71 -10.32 2.27
C THR A 464 -15.42 -10.84 3.52
N TYR A 465 -16.18 -9.93 4.15
CA TYR A 465 -16.91 -10.22 5.37
C TYR A 465 -17.92 -9.09 5.56
N GLN A 466 -18.94 -9.39 6.38
CA GLN A 466 -20.00 -8.47 6.73
C GLN A 466 -19.68 -8.01 8.12
N ILE A 467 -20.10 -6.78 8.42
CA ILE A 467 -19.91 -6.19 9.70
C ILE A 467 -21.04 -5.21 9.82
N ARG A 468 -21.39 -4.96 11.07
CA ARG A 468 -22.32 -3.93 11.47
C ARG A 468 -21.60 -2.97 12.38
N PHE A 469 -21.90 -1.69 12.24
CA PHE A 469 -21.36 -0.74 13.18
C PHE A 469 -22.50 -0.25 14.07
N LEU A 470 -22.40 -0.50 15.38
CA LEU A 470 -23.54 -0.22 16.27
C LEU A 470 -23.24 0.99 17.11
N PRO A 471 -24.12 2.00 17.05
CA PRO A 471 -23.91 3.26 17.75
C PRO A 471 -23.81 3.01 19.23
N ARG A 472 -22.96 3.78 19.90
CA ARG A 472 -22.77 3.64 21.34
C ARG A 472 -23.72 4.54 22.11
N HIS A 473 -24.24 4.03 23.23
CA HIS A 473 -25.17 4.79 24.06
C HIS A 473 -25.20 4.24 25.48
#